data_1KUK
#
_entry.id   1KUK
#
_cell.length_a   61.220
_cell.length_b   61.220
_cell.length_c   128.086
_cell.angle_alpha   90.00
_cell.angle_beta   90.00
_cell.angle_gamma   90.00
#
_symmetry.space_group_name_H-M   'P 41 21 2'
#
loop_
_entity.id
_entity.type
_entity.pdbx_description
1 polymer metalloproteinase
2 polymer EKW
3 non-polymer 'CADMIUM ION'
4 water water
#
loop_
_entity_poly.entity_id
_entity_poly.type
_entity_poly.pdbx_seq_one_letter_code
_entity_poly.pdbx_strand_id
1 'polypeptide(L)'
;EQQRFPQRYIELAIVVDHGMYTKYSSNFKKIRKRVHQMVSNINEMCRPLNIAITLALLDVWSEKDFITVQADAPTTAGLF
GDWRERVLLKKKNHDHAQLLTDTNFARNTIGWAYVGRMCDEKYSVAVVKDHSSKVFMVAVTMTHELGHNLGMEHDDKDKC
KCDTCIMSAVISDKQSKLFSDCSKDYYQTFLTNDNPQCILNAP
;
A
2 'polypeptide(L)' (PCA)KW B
#
# COMPACT_ATOMS: atom_id res chain seq x y z
N GLN A 3 -23.79 5.95 3.25
CA GLN A 3 -22.43 5.32 3.33
C GLN A 3 -22.26 4.68 4.69
N ARG A 4 -21.70 3.47 4.73
CA ARG A 4 -21.50 2.80 5.99
C ARG A 4 -20.42 3.51 6.82
N PHE A 5 -19.45 4.11 6.14
CA PHE A 5 -18.37 4.80 6.84
C PHE A 5 -18.29 6.29 6.62
N PRO A 6 -17.75 7.04 7.59
CA PRO A 6 -17.63 8.50 7.45
C PRO A 6 -16.46 8.77 6.51
N GLN A 7 -16.43 9.96 5.96
CA GLN A 7 -15.38 10.33 5.01
C GLN A 7 -13.99 10.36 5.62
N ARG A 8 -13.04 9.76 4.91
CA ARG A 8 -11.64 9.80 5.29
C ARG A 8 -10.82 10.05 4.02
N TYR A 9 -9.57 10.43 4.21
CA TYR A 9 -8.69 10.76 3.10
C TYR A 9 -7.28 10.23 3.34
N ILE A 10 -6.70 9.56 2.36
CA ILE A 10 -5.34 9.07 2.52
C ILE A 10 -4.48 9.65 1.38
N GLU A 11 -3.50 10.45 1.77
CA GLU A 11 -2.56 11.09 0.86
C GLU A 11 -1.36 10.17 0.76
N LEU A 12 -1.20 9.52 -0.38
CA LEU A 12 -0.12 8.58 -0.53
C LEU A 12 1.15 9.13 -1.12
N ALA A 13 2.28 8.58 -0.67
CA ALA A 13 3.55 8.85 -1.33
C ALA A 13 3.95 7.48 -1.92
N ILE A 14 4.36 7.45 -3.18
CA ILE A 14 4.80 6.20 -3.79
C ILE A 14 6.23 6.39 -4.19
N VAL A 15 7.10 5.46 -3.80
CA VAL A 15 8.52 5.55 -4.13
C VAL A 15 8.81 4.37 -5.06
N VAL A 16 9.43 4.64 -6.21
CA VAL A 16 9.77 3.59 -7.17
C VAL A 16 11.28 3.43 -7.07
N ASP A 17 11.75 2.24 -6.71
CA ASP A 17 13.18 2.06 -6.54
C ASP A 17 13.99 1.97 -7.84
N HIS A 18 15.32 1.88 -7.68
CA HIS A 18 16.16 1.88 -8.86
C HIS A 18 16.02 0.66 -9.74
N GLY A 19 15.77 -0.49 -9.10
CA GLY A 19 15.58 -1.71 -9.86
C GLY A 19 14.30 -1.61 -10.70
N MET A 20 13.25 -1.06 -10.12
CA MET A 20 12.01 -0.90 -10.91
C MET A 20 12.20 0.14 -12.03
N TYR A 21 12.97 1.18 -11.74
CA TYR A 21 13.27 2.21 -12.73
C TYR A 21 13.93 1.57 -13.93
N THR A 22 14.94 0.74 -13.66
CA THR A 22 15.66 0.00 -14.68
C THR A 22 14.75 -0.95 -15.45
N LYS A 23 13.88 -1.65 -14.72
CA LYS A 23 12.94 -2.59 -15.31
C LYS A 23 12.10 -1.92 -16.38
N TYR A 24 11.65 -0.71 -16.11
CA TYR A 24 10.83 0.02 -17.06
C TYR A 24 11.64 0.93 -17.99
N SER A 25 12.79 0.43 -18.40
CA SER A 25 13.70 1.13 -19.32
C SER A 25 14.09 2.55 -18.95
N SER A 26 14.21 2.80 -17.64
CA SER A 26 14.62 4.09 -17.12
C SER A 26 13.77 5.22 -17.71
N ASN A 27 12.50 4.90 -17.99
CA ASN A 27 11.55 5.82 -18.58
C ASN A 27 10.59 6.39 -17.52
N PHE A 28 10.91 7.60 -17.06
CA PHE A 28 10.09 8.27 -16.05
C PHE A 28 8.63 8.39 -16.47
N LYS A 29 8.35 8.76 -17.71
CA LYS A 29 6.96 8.91 -18.13
C LYS A 29 6.13 7.63 -17.97
N LYS A 30 6.71 6.54 -18.46
CA LYS A 30 6.08 5.25 -18.42
C LYS A 30 5.85 4.87 -16.95
N ILE A 31 6.85 5.11 -16.12
CA ILE A 31 6.72 4.78 -14.69
C ILE A 31 5.61 5.60 -14.04
N ARG A 32 5.59 6.90 -14.32
CA ARG A 32 4.57 7.77 -13.73
C ARG A 32 3.18 7.33 -14.15
N LYS A 33 3.00 6.95 -15.43
CA LYS A 33 1.71 6.48 -15.93
C LYS A 33 1.28 5.21 -15.19
N ARG A 34 2.23 4.30 -15.01
CA ARG A 34 1.93 3.05 -14.32
C ARG A 34 1.52 3.33 -12.88
N VAL A 35 2.26 4.17 -12.19
CA VAL A 35 1.92 4.52 -10.80
C VAL A 35 0.55 5.17 -10.70
N HIS A 36 0.24 6.09 -11.61
CA HIS A 36 -1.09 6.70 -11.58
C HIS A 36 -2.19 5.64 -11.80
N GLN A 37 -1.97 4.67 -12.71
CA GLN A 37 -2.97 3.64 -12.92
C GLN A 37 -3.16 2.80 -11.65
N MET A 38 -2.08 2.58 -10.93
CA MET A 38 -2.17 1.85 -9.67
C MET A 38 -3.01 2.64 -8.68
N VAL A 39 -2.72 3.92 -8.53
CA VAL A 39 -3.46 4.75 -7.60
C VAL A 39 -4.95 4.80 -7.95
N SER A 40 -5.27 4.91 -9.25
CA SER A 40 -6.66 4.93 -9.66
C SER A 40 -7.35 3.64 -9.22
N ASN A 41 -6.63 2.52 -9.27
CA ASN A 41 -7.24 1.27 -8.82
C ASN A 41 -7.38 1.23 -7.28
N ILE A 42 -6.36 1.70 -6.56
CA ILE A 42 -6.47 1.74 -5.10
C ILE A 42 -7.66 2.63 -4.72
N ASN A 43 -7.80 3.78 -5.39
CA ASN A 43 -8.93 4.67 -5.12
C ASN A 43 -10.27 3.95 -5.36
N GLU A 44 -10.37 3.22 -6.46
CA GLU A 44 -11.60 2.49 -6.77
C GLU A 44 -11.91 1.46 -5.69
N MET A 45 -10.89 0.73 -5.28
CA MET A 45 -11.10 -0.30 -4.26
C MET A 45 -11.47 0.28 -2.91
N CYS A 46 -11.05 1.51 -2.61
CA CYS A 46 -11.42 2.11 -1.33
C CYS A 46 -12.74 2.86 -1.35
N ARG A 47 -13.36 2.97 -2.54
CA ARG A 47 -14.62 3.70 -2.67
C ARG A 47 -15.67 3.18 -1.68
N PRO A 48 -15.83 1.83 -1.53
CA PRO A 48 -16.83 1.39 -0.58
C PRO A 48 -16.50 1.64 0.90
N LEU A 49 -15.25 2.04 1.20
CA LEU A 49 -14.86 2.36 2.57
C LEU A 49 -14.98 3.87 2.80
N ASN A 50 -15.36 4.59 1.76
CA ASN A 50 -15.50 6.05 1.77
C ASN A 50 -14.17 6.72 2.11
N ILE A 51 -13.09 6.24 1.49
CA ILE A 51 -11.77 6.82 1.71
C ILE A 51 -11.32 7.33 0.36
N ALA A 52 -11.06 8.64 0.26
CA ALA A 52 -10.59 9.23 -0.99
C ALA A 52 -9.06 9.08 -0.98
N ILE A 53 -8.52 8.46 -2.03
CA ILE A 53 -7.10 8.20 -2.13
C ILE A 53 -6.46 9.15 -3.15
N THR A 54 -5.41 9.86 -2.73
CA THR A 54 -4.69 10.74 -3.66
C THR A 54 -3.21 10.46 -3.62
N LEU A 55 -2.54 10.79 -4.73
CA LEU A 55 -1.11 10.65 -4.82
C LEU A 55 -0.53 12.01 -4.51
N ALA A 56 -0.04 12.15 -3.30
CA ALA A 56 0.59 13.38 -2.86
C ALA A 56 2.01 13.54 -3.37
N LEU A 57 2.72 12.44 -3.54
CA LEU A 57 4.12 12.55 -3.93
C LEU A 57 4.58 11.30 -4.63
N LEU A 58 5.32 11.48 -5.72
CA LEU A 58 5.92 10.35 -6.44
C LEU A 58 7.41 10.58 -6.47
N ASP A 59 8.16 9.61 -5.97
CA ASP A 59 9.61 9.74 -5.98
C ASP A 59 10.18 8.55 -6.73
N VAL A 60 10.90 8.80 -7.82
CA VAL A 60 11.51 7.73 -8.61
C VAL A 60 13.02 7.79 -8.41
N TRP A 61 13.60 6.71 -7.89
CA TRP A 61 15.03 6.67 -7.62
C TRP A 61 15.77 6.35 -8.91
N SER A 62 15.93 7.40 -9.71
CA SER A 62 16.54 7.28 -11.03
C SER A 62 18.05 7.13 -11.05
N GLU A 63 18.71 7.37 -9.93
CA GLU A 63 20.17 7.24 -9.90
C GLU A 63 20.67 6.04 -9.11
N LYS A 64 20.17 5.87 -7.90
CA LYS A 64 20.56 4.77 -7.03
C LYS A 64 19.54 4.61 -5.92
N ASP A 65 19.58 3.45 -5.26
CA ASP A 65 18.70 3.19 -4.14
C ASP A 65 19.24 3.93 -2.91
N PHE A 66 18.34 4.55 -2.17
CA PHE A 66 18.72 5.30 -0.98
C PHE A 66 18.69 4.47 0.29
N ILE A 67 18.19 3.24 0.16
CA ILE A 67 18.21 2.29 1.26
C ILE A 67 18.61 0.96 0.62
N THR A 68 19.00 -0.01 1.44
CA THR A 68 19.35 -1.31 0.92
C THR A 68 18.04 -2.10 0.74
N VAL A 69 17.52 -2.16 -0.49
CA VAL A 69 16.27 -2.90 -0.77
C VAL A 69 16.63 -4.37 -0.89
N GLN A 70 16.50 -5.07 0.21
CA GLN A 70 16.95 -6.46 0.30
C GLN A 70 15.88 -7.51 0.29
N ALA A 71 16.30 -8.77 0.36
CA ALA A 71 15.33 -9.87 0.26
C ALA A 71 14.32 -9.96 1.38
N ASP A 72 14.71 -9.66 2.61
CA ASP A 72 13.72 -9.74 3.71
C ASP A 72 12.80 -8.51 3.65
N ALA A 73 11.52 -8.73 3.36
CA ALA A 73 10.58 -7.61 3.22
C ALA A 73 10.42 -6.84 4.53
N PRO A 74 10.29 -7.53 5.67
CA PRO A 74 10.15 -6.73 6.90
C PRO A 74 11.39 -5.83 7.15
N THR A 75 12.58 -6.36 6.89
CA THR A 75 13.79 -5.55 7.09
C THR A 75 13.79 -4.34 6.15
N THR A 76 13.44 -4.58 4.89
CA THR A 76 13.34 -3.51 3.93
C THR A 76 12.30 -2.47 4.37
N ALA A 77 11.18 -2.93 4.90
CA ALA A 77 10.12 -2.04 5.37
C ALA A 77 10.61 -1.13 6.49
N GLY A 78 11.40 -1.69 7.42
CA GLY A 78 11.91 -0.88 8.51
C GLY A 78 12.88 0.19 7.98
N LEU A 79 13.75 -0.18 7.04
CA LEU A 79 14.69 0.79 6.48
C LEU A 79 13.93 1.85 5.71
N PHE A 80 12.86 1.42 5.05
CA PHE A 80 12.05 2.37 4.29
C PHE A 80 11.28 3.30 5.20
N GLY A 81 10.79 2.78 6.32
CA GLY A 81 10.06 3.65 7.24
C GLY A 81 11.00 4.70 7.80
N ASP A 82 12.24 4.30 8.08
CA ASP A 82 13.22 5.25 8.61
C ASP A 82 13.49 6.37 7.62
N TRP A 83 13.75 5.98 6.38
CA TRP A 83 14.05 6.94 5.32
C TRP A 83 12.82 7.83 5.06
N ARG A 84 11.64 7.22 5.13
CA ARG A 84 10.38 7.96 4.91
C ARG A 84 10.22 9.07 5.94
N GLU A 85 10.47 8.74 7.19
CA GLU A 85 10.36 9.69 8.28
C GLU A 85 11.43 10.79 8.18
N ARG A 86 12.67 10.38 7.92
CA ARG A 86 13.77 11.31 7.89
C ARG A 86 13.94 12.13 6.63
N VAL A 87 13.51 11.58 5.51
CA VAL A 87 13.67 12.27 4.24
C VAL A 87 12.38 12.58 3.49
N LEU A 88 11.59 11.55 3.20
CA LEU A 88 10.38 11.77 2.41
C LEU A 88 9.34 12.72 3.02
N LEU A 89 9.09 12.60 4.33
CA LEU A 89 8.12 13.45 4.97
C LEU A 89 8.57 14.89 4.98
N LYS A 90 9.88 15.12 4.86
CA LYS A 90 10.41 16.47 4.85
C LYS A 90 10.19 17.13 3.49
N LYS A 91 10.05 16.32 2.44
CA LYS A 91 9.84 16.87 1.10
C LYS A 91 8.40 17.32 0.92
N LYS A 92 7.45 16.52 1.40
CA LYS A 92 6.03 16.87 1.33
C LYS A 92 5.28 15.99 2.30
N ASN A 93 4.39 16.58 3.06
CA ASN A 93 3.61 15.77 4.01
C ASN A 93 2.65 14.82 3.28
N HIS A 94 2.44 13.66 3.86
CA HIS A 94 1.57 12.63 3.31
C HIS A 94 1.30 11.67 4.45
N ASP A 95 0.32 10.80 4.27
CA ASP A 95 -0.15 9.92 5.34
C ASP A 95 0.41 8.54 5.36
N HIS A 96 0.80 8.04 4.19
CA HIS A 96 1.25 6.65 4.06
C HIS A 96 2.12 6.58 2.85
N ALA A 97 3.18 5.80 2.94
CA ALA A 97 4.08 5.66 1.78
C ALA A 97 4.32 4.20 1.44
N GLN A 98 4.37 3.89 0.15
CA GLN A 98 4.67 2.53 -0.27
C GLN A 98 5.88 2.55 -1.21
N LEU A 99 6.77 1.60 -1.02
CA LEU A 99 7.94 1.42 -1.85
C LEU A 99 7.60 0.32 -2.85
N LEU A 100 7.74 0.61 -4.14
CA LEU A 100 7.51 -0.35 -5.20
C LEU A 100 8.88 -0.80 -5.69
N THR A 101 9.06 -2.10 -5.87
CA THR A 101 10.37 -2.64 -6.25
C THR A 101 10.24 -3.88 -7.09
N ASP A 102 11.30 -4.23 -7.80
CA ASP A 102 11.30 -5.49 -8.55
C ASP A 102 12.07 -6.58 -7.80
N THR A 103 12.42 -6.28 -6.54
CA THR A 103 13.19 -7.22 -5.71
C THR A 103 12.47 -8.53 -5.54
N ASN A 104 13.22 -9.62 -5.67
CA ASN A 104 12.64 -10.94 -5.45
C ASN A 104 12.71 -11.21 -3.95
N PHE A 105 11.72 -10.68 -3.23
CA PHE A 105 11.67 -10.84 -1.78
C PHE A 105 11.63 -12.31 -1.41
N ALA A 106 12.24 -12.58 -0.27
CA ALA A 106 12.33 -13.90 0.30
C ALA A 106 10.93 -14.43 0.63
N ARG A 107 10.85 -15.75 0.68
CA ARG A 107 9.64 -16.46 1.04
C ARG A 107 8.48 -16.22 0.10
N ASN A 108 8.82 -15.93 -1.15
CA ASN A 108 7.86 -15.68 -2.20
C ASN A 108 6.93 -14.56 -1.80
N THR A 109 7.50 -13.57 -1.13
CA THR A 109 6.71 -12.42 -0.65
C THR A 109 6.52 -11.36 -1.72
N ILE A 110 5.27 -10.91 -1.88
CA ILE A 110 4.94 -9.90 -2.87
C ILE A 110 4.55 -8.57 -2.22
N GLY A 111 4.37 -8.56 -0.90
CA GLY A 111 4.02 -7.34 -0.19
C GLY A 111 4.09 -7.51 1.31
N TRP A 112 4.24 -6.41 2.02
CA TRP A 112 4.36 -6.48 3.48
C TRP A 112 4.12 -5.09 4.05
N ALA A 113 3.45 -5.01 5.20
CA ALA A 113 3.21 -3.72 5.85
C ALA A 113 3.01 -3.93 7.34
N TYR A 114 3.14 -2.87 8.10
CA TYR A 114 2.90 -2.92 9.53
C TYR A 114 1.37 -2.89 9.72
N VAL A 115 0.88 -3.62 10.71
CA VAL A 115 -0.54 -3.63 10.97
C VAL A 115 -1.04 -2.48 11.87
N GLY A 116 -2.03 -1.75 11.36
CA GLY A 116 -2.70 -0.71 12.12
C GLY A 116 -1.94 0.52 12.50
N ARG A 117 -0.92 0.83 11.73
CA ARG A 117 -0.10 1.99 12.01
C ARG A 117 -0.29 3.16 11.05
N MET A 118 -1.41 3.22 10.37
CA MET A 118 -1.71 4.36 9.50
C MET A 118 -1.47 5.67 10.26
N CYS A 119 -0.79 6.58 9.56
CA CYS A 119 -0.41 7.92 10.02
C CYS A 119 0.89 7.98 10.81
N ASP A 120 1.34 6.85 11.33
CA ASP A 120 2.59 6.88 12.08
C ASP A 120 3.76 7.34 11.20
N GLU A 121 4.61 8.22 11.71
CA GLU A 121 5.70 8.74 10.91
C GLU A 121 6.64 7.67 10.36
N LYS A 122 6.86 6.62 11.12
CA LYS A 122 7.76 5.56 10.68
C LYS A 122 7.03 4.32 10.18
N TYR A 123 5.88 4.01 10.78
CA TYR A 123 5.21 2.76 10.46
C TYR A 123 4.05 2.81 9.49
N SER A 124 3.74 4.00 8.98
CA SER A 124 2.67 4.09 7.98
C SER A 124 3.30 3.83 6.61
N VAL A 125 3.78 2.60 6.41
CA VAL A 125 4.46 2.25 5.16
C VAL A 125 4.18 0.79 4.81
N ALA A 126 4.43 0.49 3.54
CA ALA A 126 4.32 -0.86 3.01
C ALA A 126 5.40 -0.97 1.93
N VAL A 127 5.80 -2.21 1.65
CA VAL A 127 6.74 -2.51 0.58
C VAL A 127 6.01 -3.50 -0.33
N VAL A 128 6.06 -3.25 -1.62
CA VAL A 128 5.32 -4.05 -2.59
C VAL A 128 6.16 -4.39 -3.81
N LYS A 129 6.15 -5.66 -4.18
CA LYS A 129 6.86 -6.10 -5.36
C LYS A 129 5.99 -5.88 -6.60
N ASP A 130 6.58 -5.33 -7.67
CA ASP A 130 5.88 -5.12 -8.95
C ASP A 130 5.93 -6.52 -9.59
N HIS A 131 5.06 -7.39 -9.07
CA HIS A 131 5.08 -8.82 -9.37
C HIS A 131 4.23 -9.35 -10.49
N SER A 132 3.67 -8.47 -11.29
CA SER A 132 2.82 -8.89 -12.41
C SER A 132 2.84 -7.80 -13.45
N SER A 133 2.69 -8.18 -14.72
CA SER A 133 2.60 -7.18 -15.78
C SER A 133 1.21 -6.53 -15.63
N LYS A 134 0.26 -7.26 -15.02
CA LYS A 134 -1.10 -6.76 -14.83
C LYS A 134 -1.13 -5.70 -13.74
N VAL A 135 -1.44 -4.47 -14.13
CA VAL A 135 -1.48 -3.39 -13.16
C VAL A 135 -2.39 -3.71 -11.98
N PHE A 136 -3.57 -4.26 -12.25
CA PHE A 136 -4.47 -4.57 -11.15
C PHE A 136 -3.90 -5.49 -10.11
N MET A 137 -3.15 -6.50 -10.55
CA MET A 137 -2.57 -7.44 -9.58
C MET A 137 -1.59 -6.76 -8.63
N VAL A 138 -0.87 -5.76 -9.11
CA VAL A 138 0.04 -5.04 -8.24
C VAL A 138 -0.77 -4.08 -7.38
N ALA A 139 -1.74 -3.40 -7.99
CA ALA A 139 -2.55 -2.48 -7.24
C ALA A 139 -3.33 -3.13 -6.12
N VAL A 140 -3.86 -4.34 -6.34
CA VAL A 140 -4.61 -4.96 -5.26
C VAL A 140 -3.64 -5.39 -4.14
N THR A 141 -2.37 -5.62 -4.48
CA THR A 141 -1.37 -5.97 -3.46
C THR A 141 -1.10 -4.71 -2.63
N MET A 142 -0.96 -3.56 -3.30
CA MET A 142 -0.80 -2.30 -2.60
C MET A 142 -2.00 -2.04 -1.67
N THR A 143 -3.19 -2.38 -2.16
CA THR A 143 -4.42 -2.15 -1.39
C THR A 143 -4.51 -3.09 -0.19
N HIS A 144 -4.08 -4.34 -0.38
CA HIS A 144 -4.04 -5.34 0.69
C HIS A 144 -3.11 -4.84 1.79
N GLU A 145 -1.92 -4.32 1.41
CA GLU A 145 -1.01 -3.81 2.44
C GLU A 145 -1.57 -2.54 3.13
N LEU A 146 -2.22 -1.67 2.35
CA LEU A 146 -2.86 -0.51 2.91
C LEU A 146 -3.91 -0.98 3.94
N GLY A 147 -4.64 -2.04 3.60
CA GLY A 147 -5.67 -2.59 4.48
C GLY A 147 -5.06 -3.04 5.80
N HIS A 148 -3.93 -3.76 5.73
CA HIS A 148 -3.26 -4.12 6.99
C HIS A 148 -2.92 -2.87 7.76
N ASN A 149 -2.43 -1.82 7.10
CA ASN A 149 -2.03 -0.62 7.84
C ASN A 149 -3.23 0.09 8.47
N LEU A 150 -4.43 -0.19 7.95
CA LEU A 150 -5.70 0.33 8.48
C LEU A 150 -6.30 -0.62 9.51
N GLY A 151 -5.48 -1.54 10.05
CA GLY A 151 -5.97 -2.48 11.05
C GLY A 151 -6.67 -3.76 10.64
N MET A 152 -6.59 -4.10 9.37
CA MET A 152 -7.24 -5.32 8.88
C MET A 152 -6.32 -6.53 8.95
N GLU A 153 -6.87 -7.68 9.34
CA GLU A 153 -6.15 -8.94 9.31
C GLU A 153 -6.70 -9.68 8.11
N HIS A 154 -6.20 -10.88 7.84
CA HIS A 154 -6.73 -11.63 6.73
C HIS A 154 -8.16 -12.10 6.97
N ASP A 155 -8.87 -12.24 5.87
CA ASP A 155 -10.23 -12.78 5.92
C ASP A 155 -10.19 -14.18 6.55
N ASP A 156 -11.25 -14.49 7.30
CA ASP A 156 -11.37 -15.79 7.99
C ASP A 156 -12.77 -16.28 7.66
N LYS A 157 -12.88 -17.52 7.18
CA LYS A 157 -14.17 -18.08 6.78
C LYS A 157 -15.21 -18.13 7.88
N ASP A 158 -14.79 -18.26 9.13
CA ASP A 158 -15.81 -18.26 10.19
C ASP A 158 -16.42 -16.91 10.36
N LYS A 159 -15.66 -15.87 10.05
CA LYS A 159 -16.15 -14.49 10.22
C LYS A 159 -16.85 -13.91 9.02
N CYS A 160 -16.44 -14.33 7.83
CA CYS A 160 -17.08 -13.82 6.62
C CYS A 160 -16.85 -14.83 5.50
N LYS A 161 -17.73 -14.85 4.51
CA LYS A 161 -17.65 -15.84 3.46
C LYS A 161 -16.92 -15.54 2.16
N CYS A 162 -16.49 -14.29 1.96
CA CYS A 162 -15.80 -13.97 0.72
C CYS A 162 -14.55 -14.77 0.50
N ASP A 163 -14.39 -15.32 -0.72
CA ASP A 163 -13.23 -16.14 -1.00
C ASP A 163 -12.08 -15.49 -1.71
N THR A 164 -12.38 -14.41 -2.42
CA THR A 164 -11.36 -13.72 -3.21
C THR A 164 -11.27 -12.22 -2.99
N CYS A 165 -11.68 -11.80 -1.79
CA CYS A 165 -11.65 -10.39 -1.46
C CYS A 165 -10.23 -9.90 -1.19
N ILE A 166 -10.08 -8.59 -1.14
CA ILE A 166 -8.75 -7.97 -1.00
C ILE A 166 -7.89 -8.53 0.12
N MET A 167 -8.46 -8.76 1.29
CA MET A 167 -7.67 -9.31 2.39
C MET A 167 -7.66 -10.84 2.49
N SER A 168 -7.92 -11.52 1.36
CA SER A 168 -7.76 -12.98 1.34
C SER A 168 -6.32 -13.30 1.79
N ALA A 169 -6.14 -14.42 2.46
CA ALA A 169 -4.81 -14.79 2.96
C ALA A 169 -3.78 -14.93 1.84
N VAL A 170 -4.24 -15.30 0.63
CA VAL A 170 -3.37 -15.45 -0.51
C VAL A 170 -4.06 -14.84 -1.73
N ILE A 171 -3.28 -14.16 -2.57
CA ILE A 171 -3.80 -13.56 -3.80
C ILE A 171 -4.12 -14.70 -4.79
N SER A 172 -5.00 -14.43 -5.76
CA SER A 172 -5.26 -15.45 -6.77
C SER A 172 -5.56 -14.79 -8.09
N ASP A 173 -5.54 -15.60 -9.15
CA ASP A 173 -5.81 -15.12 -10.48
C ASP A 173 -7.19 -14.48 -10.59
N LYS A 174 -8.13 -14.96 -9.77
CA LYS A 174 -9.51 -14.46 -9.75
C LYS A 174 -9.72 -13.38 -8.70
N GLN A 175 -8.64 -12.75 -8.26
CA GLN A 175 -8.72 -11.73 -7.21
C GLN A 175 -9.81 -10.69 -7.47
N SER A 176 -10.63 -10.48 -6.45
CA SER A 176 -11.71 -9.52 -6.49
C SER A 176 -11.21 -8.14 -6.06
N LYS A 177 -11.90 -7.10 -6.48
CA LYS A 177 -11.57 -5.74 -6.08
C LYS A 177 -12.35 -5.30 -4.85
N LEU A 178 -13.07 -6.24 -4.23
CA LEU A 178 -13.88 -5.89 -3.06
C LEU A 178 -13.28 -6.27 -1.70
N PHE A 179 -13.59 -5.44 -0.70
CA PHE A 179 -13.25 -5.77 0.68
C PHE A 179 -14.41 -6.59 1.23
N SER A 180 -14.05 -7.64 1.96
CA SER A 180 -15.03 -8.51 2.64
C SER A 180 -15.68 -7.82 3.84
N ASP A 181 -16.68 -8.50 4.42
CA ASP A 181 -17.29 -7.95 5.62
C ASP A 181 -16.30 -8.04 6.80
N CYS A 182 -15.39 -9.03 6.75
CA CYS A 182 -14.34 -9.14 7.79
C CYS A 182 -13.55 -7.83 7.77
N SER A 183 -13.18 -7.41 6.57
CA SER A 183 -12.35 -6.21 6.40
C SER A 183 -13.06 -4.94 6.81
N LYS A 184 -14.31 -4.82 6.41
CA LYS A 184 -15.07 -3.65 6.80
C LYS A 184 -15.23 -3.60 8.35
N ASP A 185 -15.45 -4.77 8.96
CA ASP A 185 -15.60 -4.81 10.42
C ASP A 185 -14.26 -4.42 11.08
N TYR A 186 -13.13 -4.87 10.56
CA TYR A 186 -11.84 -4.44 11.12
C TYR A 186 -11.65 -2.93 10.96
N TYR A 187 -12.07 -2.38 9.83
CA TYR A 187 -11.92 -0.94 9.61
C TYR A 187 -12.80 -0.18 10.62
N GLN A 188 -14.02 -0.66 10.87
CA GLN A 188 -14.89 -0.01 11.85
C GLN A 188 -14.18 -0.02 13.21
N THR A 189 -13.60 -1.16 13.58
CA THR A 189 -12.88 -1.26 14.83
C THR A 189 -11.71 -0.26 14.88
N PHE A 190 -10.98 -0.12 13.76
CA PHE A 190 -9.90 0.83 13.68
C PHE A 190 -10.39 2.27 13.86
N LEU A 191 -11.47 2.65 13.18
CA LEU A 191 -12.00 4.01 13.32
C LEU A 191 -12.50 4.28 14.74
N THR A 192 -13.03 3.26 15.39
CA THR A 192 -13.55 3.43 16.74
C THR A 192 -12.43 3.49 17.79
N ASN A 193 -11.45 2.60 17.68
CA ASN A 193 -10.39 2.54 18.69
C ASN A 193 -9.11 3.34 18.45
N ASP A 194 -8.72 3.54 17.20
CA ASP A 194 -7.50 4.26 16.89
C ASP A 194 -7.85 5.65 16.33
N ASN A 195 -8.69 5.69 15.30
CA ASN A 195 -9.14 6.93 14.68
C ASN A 195 -8.03 7.95 14.50
N PRO A 196 -6.98 7.58 13.73
CA PRO A 196 -5.86 8.50 13.51
C PRO A 196 -6.27 9.82 12.88
N GLN A 197 -5.69 10.91 13.39
CA GLN A 197 -6.07 12.22 12.89
C GLN A 197 -5.67 12.60 11.47
N CYS A 198 -4.58 12.04 10.95
CA CYS A 198 -4.14 12.48 9.63
C CYS A 198 -5.08 12.17 8.49
N ILE A 199 -5.87 11.12 8.63
CA ILE A 199 -6.78 10.76 7.56
C ILE A 199 -8.14 11.44 7.71
N LEU A 200 -8.26 12.30 8.70
CA LEU A 200 -9.50 13.04 8.88
C LEU A 200 -9.37 14.32 8.06
N ASN A 201 -8.12 14.65 7.76
CA ASN A 201 -7.76 15.86 7.03
C ASN A 201 -7.78 15.77 5.50
N ALA A 202 -8.70 16.51 4.87
CA ALA A 202 -8.76 16.53 3.41
C ALA A 202 -7.55 17.33 2.90
N PRO A 203 -7.09 17.03 1.68
CA PRO A 203 -5.94 17.77 1.14
C PRO A 203 -6.24 19.26 0.98
N LYS B 2 3.25 -14.68 -0.62
CA LYS B 2 2.91 -14.19 0.70
C LYS B 2 2.67 -12.69 0.62
N TRP B 3 1.58 -12.24 1.22
CA TRP B 3 1.27 -10.79 1.27
C TRP B 3 0.52 -10.40 2.57
#